data_5SAO
#
_entry.id   5SAO
#
_cell.length_a   45.310
_cell.length_b   72.910
_cell.length_c   52.620
_cell.angle_alpha   90.000
_cell.angle_beta   109.778
_cell.angle_gamma   90.000
#
_symmetry.space_group_name_H-M   'P 1 21 1'
#
loop_
_entity.id
_entity.type
_entity.pdbx_description
1 polymer Endothiapepsin
2 non-polymer GLYCEROL
3 non-polymer 1,2-ETHANEDIOL
4 non-polymer 6-[(8R)-2-({[(3,5-dimethyl-1,2-oxazol-4-yl)methyl](methyl)amino}methyl)-6,7-dihydropyrazolo[1,5-a]pyrazin-5(4H)-yl]pyrimidin-4-amine
5 water water
#
_entity_poly.entity_id   1
_entity_poly.type   'polypeptide(L)'
_entity_poly.pdbx_seq_one_letter_code
;MSSPLKNALVTAMLAGGALSSPTKQHVGIPVNASPEVGPGKYSFKQVRNPNYKFNGPLSVKKTYLKYGVPIPAWLEDAVQ
NSTSGLAERSTGSATTTPIDSLDDAYITPVQIGTPAQTLNLDFDTGSSDLWVFSSETTASEVDGQTIYTPSKSTTAKLLS
GATWSISYGDGSSSSGDVYTDTVSVGGLTVTGQAVESAKKVSSSFTEDSTIDGLLGLAFSTLNTVSPTQQKTFFDNAKAS
LDSPVFTADLGYHAPGTYNFGFIDTTAYTGSITYTAVSTKQGFWEWTSTGYAVGSGTFKSTSIDGIADTGTTLLYLPATV
VSAYWAQVSGAKSSSSVGGYVFPCSATLPSFTFGVGSARIVIPGDYIDFGPISTGSSSCFGGIQSSAGIGINIFGDVALK
AAFVVFNGATTPTLGFASK
;
_entity_poly.pdbx_strand_id   A
#
loop_
_chem_comp.id
_chem_comp.type
_chem_comp.name
_chem_comp.formula
EDO non-polymer 1,2-ETHANEDIOL 'C2 H6 O2'
GOL non-polymer GLYCEROL 'C3 H8 O3'
ZSD non-polymer 6-[(8R)-2-({[(3,5-dimethyl-1,2-oxazol-4-yl)methyl](methyl)amino}methyl)-6,7-dihydropyrazolo[1,5-a]pyrazin-5(4H)-yl]pyrimidin-4-amine 'C18 H24 N8 O'
#
# COMPACT_ATOMS: atom_id res chain seq x y z
N SER A 90 18.67 14.84 4.05
CA SER A 90 18.87 13.37 4.02
C SER A 90 17.95 12.71 3.01
N THR A 91 18.28 11.47 2.66
CA THR A 91 17.43 10.63 1.83
C THR A 91 17.52 9.19 2.32
N GLY A 92 16.59 8.37 1.84
CA GLY A 92 16.67 6.92 2.01
C GLY A 92 16.17 6.24 0.74
N SER A 93 16.61 5.00 0.55
CA SER A 93 16.19 4.22 -0.61
C SER A 93 16.21 2.76 -0.23
N ALA A 94 15.08 2.07 -0.36
CA ALA A 94 14.99 0.66 0.00
C ALA A 94 14.25 -0.11 -1.08
N THR A 95 14.69 -1.34 -1.30
CA THR A 95 14.01 -2.22 -2.24
C THR A 95 12.80 -2.86 -1.59
N THR A 96 11.71 -2.93 -2.34
CA THR A 96 10.49 -3.59 -1.90
C THR A 96 10.26 -4.79 -2.80
N THR A 97 9.90 -5.92 -2.18
CA THR A 97 9.89 -7.23 -2.86
C THR A 97 8.53 -7.88 -2.72
N PRO A 98 7.95 -8.43 -3.79
CA PRO A 98 6.68 -9.13 -3.63
CA PRO A 98 6.67 -9.14 -3.64
C PRO A 98 6.83 -10.32 -2.69
N ILE A 99 5.78 -10.58 -1.90
CA ILE A 99 5.83 -11.69 -0.95
C ILE A 99 5.63 -13.04 -1.59
N ASP A 100 5.10 -13.07 -2.82
CA ASP A 100 4.77 -14.31 -3.51
C ASP A 100 4.73 -14.03 -5.00
N SER A 101 4.44 -15.08 -5.77
CA SER A 101 4.51 -15.02 -7.23
C SER A 101 3.37 -14.22 -7.85
N LEU A 102 2.38 -13.81 -7.05
CA LEU A 102 1.24 -13.06 -7.53
C LEU A 102 1.28 -11.59 -7.14
N ASP A 103 2.32 -11.15 -6.44
CA ASP A 103 2.37 -9.77 -5.93
C ASP A 103 1.21 -9.51 -4.96
N ASP A 104 0.94 -10.47 -4.09
CA ASP A 104 -0.18 -10.28 -3.16
C ASP A 104 0.08 -9.18 -2.15
N ALA A 105 1.34 -8.83 -1.93
CA ALA A 105 1.76 -7.70 -1.10
C ALA A 105 3.25 -7.55 -1.33
N TYR A 106 3.82 -6.48 -0.78
CA TYR A 106 5.24 -6.17 -0.92
C TYR A 106 5.83 -5.93 0.46
N ILE A 107 7.06 -6.41 0.67
CA ILE A 107 7.77 -6.23 1.92
C ILE A 107 9.07 -5.47 1.70
N THR A 108 9.40 -4.63 2.67
CA THR A 108 10.55 -3.75 2.63
C THR A 108 11.29 -3.91 3.96
N PRO A 109 12.61 -4.11 3.94
CA PRO A 109 13.33 -4.30 5.20
C PRO A 109 13.46 -2.97 5.94
N VAL A 110 13.28 -3.04 7.26
CA VAL A 110 13.32 -1.88 8.15
C VAL A 110 14.17 -2.26 9.36
N GLN A 111 15.11 -1.38 9.72
CA GLN A 111 15.95 -1.57 10.88
C GLN A 111 15.34 -0.87 12.08
N ILE A 112 15.15 -1.63 13.16
CA ILE A 112 14.55 -1.11 14.38
C ILE A 112 15.48 -1.39 15.56
N GLY A 113 15.80 -0.36 16.35
CA GLY A 113 16.52 -0.58 17.58
C GLY A 113 18.03 -0.56 17.44
N THR A 114 18.67 -0.77 18.58
CA THR A 114 20.14 -0.77 18.71
C THR A 114 20.56 -1.95 19.57
N PRO A 115 21.35 -2.92 19.05
CA PRO A 115 21.71 -3.08 17.64
C PRO A 115 20.46 -3.28 16.79
N ALA A 116 20.62 -3.07 15.50
CA ALA A 116 19.46 -3.14 14.61
C ALA A 116 18.83 -4.52 14.65
N GLN A 117 17.51 -4.52 14.64
CA GLN A 117 16.70 -5.70 14.37
C GLN A 117 15.97 -5.43 13.06
N THR A 118 16.24 -6.25 12.05
CA THR A 118 15.65 -6.02 10.74
C THR A 118 14.38 -6.84 10.59
N LEU A 119 13.27 -6.14 10.35
CA LEU A 119 11.98 -6.74 10.10
C LEU A 119 11.51 -6.35 8.71
N ASN A 120 10.74 -7.22 8.07
CA ASN A 120 10.21 -6.96 6.72
C ASN A 120 8.77 -6.47 6.85
N LEU A 121 8.58 -5.19 6.58
CA LEU A 121 7.29 -4.54 6.80
C LEU A 121 6.57 -4.24 5.49
N ASP A 122 5.26 -4.20 5.59
CA ASP A 122 4.38 -3.85 4.48
C ASP A 122 4.14 -2.35 4.55
N PHE A 123 4.77 -1.62 3.62
CA PHE A 123 4.62 -0.16 3.55
C PHE A 123 3.23 0.16 3.00
N ASP A 124 2.45 0.89 3.77
CA ASP A 124 1.02 1.02 3.53
C ASP A 124 0.60 2.48 3.51
N THR A 125 0.44 3.05 2.32
CA THR A 125 -0.02 4.44 2.21
C THR A 125 -1.50 4.59 2.52
N GLY A 126 -2.19 3.53 2.90
CA GLY A 126 -3.55 3.57 3.36
C GLY A 126 -3.75 3.46 4.86
N SER A 127 -2.68 3.49 5.65
CA SER A 127 -2.81 3.49 7.10
C SER A 127 -1.63 4.25 7.69
N SER A 128 -1.67 4.43 9.03
CA SER A 128 -0.75 5.40 9.65
C SER A 128 -0.13 4.89 10.93
N ASP A 129 -0.04 3.57 11.10
CA ASP A 129 0.58 2.94 12.25
C ASP A 129 1.78 2.13 11.79
N LEU A 130 2.88 2.22 12.52
CA LEU A 130 4.04 1.36 12.33
C LEU A 130 3.93 0.34 13.45
N TRP A 131 3.50 -0.89 13.12
CA TRP A 131 3.35 -1.92 14.11
C TRP A 131 4.09 -3.18 13.69
N VAL A 132 4.53 -3.93 14.68
CA VAL A 132 5.38 -5.09 14.45
C VAL A 132 4.97 -6.27 15.32
N PHE A 133 5.16 -7.48 14.76
CA PHE A 133 5.24 -8.68 15.59
C PHE A 133 6.39 -8.49 16.57
N SER A 134 6.20 -8.98 17.78
CA SER A 134 7.16 -8.70 18.82
C SER A 134 7.24 -9.84 19.82
N SER A 135 8.18 -9.70 20.75
CA SER A 135 8.30 -10.61 21.88
C SER A 135 7.07 -10.58 22.78
N GLU A 136 6.19 -9.59 22.59
CA GLU A 136 4.96 -9.49 23.36
C GLU A 136 3.78 -10.14 22.67
N THR A 137 3.92 -10.56 21.41
CA THR A 137 2.80 -11.11 20.68
C THR A 137 2.45 -12.49 21.24
N THR A 138 1.18 -12.70 21.53
CA THR A 138 0.71 -14.01 21.96
C THR A 138 1.38 -15.11 21.16
N ALA A 139 2.02 -16.06 21.84
CA ALA A 139 2.89 -17.02 21.16
C ALA A 139 2.15 -17.80 20.09
N SER A 140 0.91 -18.21 20.37
CA SER A 140 0.15 -19.01 19.41
C SER A 140 -0.22 -18.24 18.15
N GLU A 141 -0.06 -16.91 18.17
CA GLU A 141 -0.38 -16.06 17.03
C GLU A 141 0.85 -15.70 16.21
N VAL A 142 2.02 -16.23 16.57
CA VAL A 142 3.26 -16.06 15.81
C VAL A 142 3.56 -17.38 15.14
N ASP A 143 3.77 -17.34 13.82
CA ASP A 143 4.06 -18.54 13.03
C ASP A 143 5.04 -18.17 11.90
N GLY A 144 6.30 -17.99 12.26
CA GLY A 144 7.36 -17.79 11.29
C GLY A 144 7.78 -16.36 11.09
N GLN A 145 7.04 -15.38 11.61
CA GLN A 145 7.45 -13.99 11.46
C GLN A 145 8.71 -13.71 12.29
N THR A 146 9.45 -12.71 11.86
CA THR A 146 10.53 -12.17 12.66
C THR A 146 9.95 -11.16 13.65
N ILE A 147 10.40 -11.23 14.90
CA ILE A 147 9.85 -10.41 15.96
C ILE A 147 10.84 -9.34 16.39
N TYR A 148 10.29 -8.19 16.80
CA TYR A 148 11.02 -7.15 17.49
C TYR A 148 11.00 -7.44 18.99
N THR A 149 12.17 -7.42 19.61
CA THR A 149 12.30 -7.63 21.05
C THR A 149 12.82 -6.34 21.68
N PRO A 150 11.94 -5.49 22.21
CA PRO A 150 12.41 -4.18 22.71
C PRO A 150 13.41 -4.30 23.84
N SER A 151 13.34 -5.36 24.64
CA SER A 151 14.27 -5.49 25.76
C SER A 151 15.71 -5.69 25.29
N LYS A 152 15.92 -6.06 24.03
CA LYS A 152 17.26 -6.23 23.48
C LYS A 152 17.75 -4.98 22.77
N SER A 153 16.96 -3.91 22.77
CA SER A 153 17.33 -2.66 22.12
C SER A 153 17.67 -1.63 23.18
N THR A 154 18.91 -1.14 23.14
CA THR A 154 19.34 -0.18 24.16
C THR A 154 18.71 1.19 23.97
N THR A 155 18.08 1.46 22.82
CA THR A 155 17.42 2.72 22.54
C THR A 155 15.90 2.65 22.67
N ALA A 156 15.35 1.47 22.96
CA ALA A 156 13.90 1.36 23.12
C ALA A 156 13.46 1.92 24.47
N LYS A 157 12.33 2.62 24.47
CA LYS A 157 11.71 3.12 25.68
C LYS A 157 10.21 2.86 25.60
N LEU A 158 9.64 2.27 26.65
CA LEU A 158 8.20 2.11 26.69
C LEU A 158 7.56 3.49 26.66
N LEU A 159 6.56 3.67 25.82
CA LEU A 159 5.76 4.89 25.81
C LEU A 159 4.64 4.64 26.81
N SER A 160 4.81 5.21 27.99
CA SER A 160 4.01 4.83 29.14
CA SER A 160 4.01 4.83 29.14
C SER A 160 2.53 5.11 28.90
N GLY A 161 1.71 4.09 29.11
CA GLY A 161 0.27 4.21 29.03
C GLY A 161 -0.31 4.14 27.63
N ALA A 162 0.53 4.08 26.60
CA ALA A 162 0.06 4.16 25.23
C ALA A 162 -0.34 2.78 24.73
N THR A 163 -1.50 2.71 24.09
CA THR A 163 -1.95 1.49 23.45
C THR A 163 -2.42 1.82 22.04
N TRP A 164 -2.61 0.78 21.25
CA TRP A 164 -3.07 0.95 19.87
C TRP A 164 -3.94 -0.24 19.52
N SER A 165 -4.83 -0.03 18.55
CA SER A 165 -5.72 -1.07 18.07
C SER A 165 -6.22 -0.66 16.70
N ILE A 166 -6.06 -1.54 15.72
CA ILE A 166 -6.38 -1.18 14.35
C ILE A 166 -7.15 -2.31 13.68
N SER A 167 -8.04 -1.93 12.77
CA SER A 167 -8.73 -2.86 11.90
C SER A 167 -8.52 -2.41 10.46
N TYR A 168 -8.34 -3.35 9.56
CA TYR A 168 -8.11 -3.05 8.16
C TYR A 168 -9.32 -3.43 7.33
N GLY A 169 -9.29 -3.01 6.06
CA GLY A 169 -10.44 -3.15 5.18
C GLY A 169 -10.84 -4.60 4.93
N ASP A 170 -9.93 -5.54 5.12
CA ASP A 170 -10.22 -6.95 4.87
C ASP A 170 -10.79 -7.66 6.10
N GLY A 171 -10.95 -6.96 7.22
CA GLY A 171 -11.44 -7.57 8.44
C GLY A 171 -10.36 -8.02 9.39
N SER A 172 -9.09 -7.85 9.03
CA SER A 172 -8.00 -8.22 9.90
C SER A 172 -7.74 -7.11 10.93
N SER A 173 -7.01 -7.46 11.98
CA SER A 173 -6.82 -6.53 13.08
C SER A 173 -5.58 -6.91 13.87
N SER A 174 -5.15 -5.95 14.70
CA SER A 174 -4.02 -6.15 15.61
C SER A 174 -4.08 -5.05 16.66
N SER A 175 -3.39 -5.27 17.78
CA SER A 175 -3.41 -4.31 18.88
C SER A 175 -2.23 -4.58 19.82
N GLY A 176 -1.89 -3.58 20.64
CA GLY A 176 -0.83 -3.80 21.60
C GLY A 176 -0.41 -2.54 22.33
N ASP A 177 0.87 -2.50 22.71
CA ASP A 177 1.45 -1.36 23.42
C ASP A 177 2.48 -0.68 22.52
N VAL A 178 3.21 0.30 23.04
CA VAL A 178 4.00 1.17 22.20
C VAL A 178 5.35 1.45 22.84
N TYR A 179 6.39 1.40 22.03
CA TYR A 179 7.73 1.81 22.38
C TYR A 179 8.11 2.97 21.46
N THR A 180 9.09 3.77 21.88
CA THR A 180 9.82 4.60 20.93
C THR A 180 11.19 3.99 20.74
N ASP A 181 11.69 4.07 19.51
CA ASP A 181 13.00 3.50 19.20
C ASP A 181 13.49 4.13 17.91
N THR A 182 14.75 3.84 17.59
CA THR A 182 15.34 4.30 16.34
C THR A 182 14.94 3.38 15.20
N VAL A 183 14.46 3.98 14.11
CA VAL A 183 13.99 3.24 12.95
C VAL A 183 14.69 3.79 11.72
N SER A 184 15.25 2.90 10.91
CA SER A 184 15.92 3.29 9.67
C SER A 184 15.35 2.52 8.49
N VAL A 185 15.17 3.24 7.39
CA VAL A 185 14.70 2.67 6.13
C VAL A 185 15.68 3.10 5.06
N GLY A 186 16.37 2.14 4.48
CA GLY A 186 17.18 2.45 3.32
C GLY A 186 18.20 3.51 3.59
N GLY A 187 18.74 3.57 4.81
CA GLY A 187 19.73 4.55 5.17
C GLY A 187 19.22 5.84 5.79
N LEU A 188 17.91 6.04 5.85
CA LEU A 188 17.29 7.20 6.48
C LEU A 188 16.86 6.83 7.90
N THR A 189 17.32 7.59 8.89
CA THR A 189 17.11 7.25 10.30
C THR A 189 16.23 8.28 10.98
N VAL A 190 15.23 7.78 11.72
CA VAL A 190 14.39 8.57 12.62
C VAL A 190 14.63 8.07 14.03
N THR A 191 14.97 8.98 14.93
CA THR A 191 15.03 8.63 16.35
C THR A 191 13.69 8.95 17.00
N GLY A 192 13.34 8.20 18.03
CA GLY A 192 12.09 8.44 18.74
C GLY A 192 10.84 8.07 17.97
N GLN A 193 10.93 7.19 16.99
CA GLN A 193 9.76 6.75 16.25
C GLN A 193 8.90 5.86 17.13
N ALA A 194 7.58 6.07 17.07
CA ALA A 194 6.67 5.15 17.75
C ALA A 194 6.64 3.82 17.01
N VAL A 195 7.01 2.75 17.71
CA VAL A 195 7.00 1.38 17.23
C VAL A 195 5.94 0.67 18.03
N GLU A 196 4.84 0.32 17.37
CA GLU A 196 3.67 -0.26 18.03
C GLU A 196 3.87 -1.77 18.07
N SER A 197 4.01 -2.30 19.27
CA SER A 197 4.33 -3.71 19.48
C SER A 197 3.02 -4.49 19.63
N ALA A 198 2.83 -5.50 18.80
CA ALA A 198 1.58 -6.25 18.84
C ALA A 198 1.58 -7.21 20.02
N LYS A 199 0.50 -7.13 20.79
CA LYS A 199 0.18 -8.19 21.74
C LYS A 199 -0.78 -9.21 21.14
N LYS A 200 -1.62 -8.79 20.20
CA LYS A 200 -2.59 -9.64 19.53
C LYS A 200 -2.57 -9.30 18.05
N VAL A 201 -2.67 -10.33 17.22
CA VAL A 201 -2.90 -10.16 15.79
C VAL A 201 -3.96 -11.16 15.36
N SER A 202 -4.70 -10.82 14.30
CA SER A 202 -5.72 -11.72 13.81
C SER A 202 -5.12 -12.80 12.90
N SER A 203 -5.95 -13.78 12.57
CA SER A 203 -5.46 -15.00 11.92
C SER A 203 -4.79 -14.71 10.59
N SER A 204 -5.27 -13.72 9.84
CA SER A 204 -4.67 -13.49 8.54
C SER A 204 -3.23 -13.00 8.65
N PHE A 205 -2.89 -12.31 9.74
CA PHE A 205 -1.49 -11.95 9.97
C PHE A 205 -0.69 -13.17 10.40
N THR A 206 -1.20 -13.94 11.36
CA THR A 206 -0.49 -15.13 11.79
C THR A 206 -0.17 -16.04 10.62
N GLU A 207 -1.14 -16.22 9.73
CA GLU A 207 -1.03 -17.18 8.64
C GLU A 207 -0.09 -16.70 7.54
N ASP A 208 0.35 -15.45 7.58
CA ASP A 208 1.26 -14.93 6.56
C ASP A 208 2.62 -14.73 7.20
N SER A 209 3.50 -15.70 7.03
CA SER A 209 4.80 -15.65 7.67
C SER A 209 5.74 -14.63 7.05
N THR A 210 5.39 -14.05 5.91
CA THR A 210 6.30 -13.15 5.19
C THR A 210 6.23 -11.70 5.66
N ILE A 211 5.20 -11.32 6.39
CA ILE A 211 4.97 -9.92 6.79
C ILE A 211 5.15 -9.81 8.30
N ASP A 212 6.16 -9.04 8.70
CA ASP A 212 6.51 -8.87 10.12
C ASP A 212 5.81 -7.67 10.75
N GLY A 213 5.00 -6.96 9.99
CA GLY A 213 4.32 -5.77 10.47
C GLY A 213 4.04 -4.82 9.32
N LEU A 214 3.49 -3.66 9.67
N LEU A 214 3.58 -3.64 9.72
CA LEU A 214 3.15 -2.63 8.71
CA LEU A 214 3.13 -2.59 8.82
C LEU A 214 3.84 -1.32 9.06
C LEU A 214 3.95 -1.34 9.08
N LEU A 215 4.17 -0.55 8.03
CA LEU A 215 4.72 0.79 8.18
C LEU A 215 3.77 1.74 7.44
N GLY A 216 2.96 2.46 8.21
CA GLY A 216 1.95 3.32 7.65
C GLY A 216 2.52 4.61 7.10
N LEU A 217 2.00 5.00 5.94
CA LEU A 217 2.44 6.18 5.22
C LEU A 217 1.27 7.07 4.79
N ALA A 218 0.07 6.85 5.32
CA ALA A 218 -1.01 7.81 5.20
C ALA A 218 -0.78 8.95 6.20
N PHE A 219 -1.76 9.82 6.39
CA PHE A 219 -1.55 10.99 7.22
C PHE A 219 -1.67 10.64 8.69
N SER A 220 -0.87 11.32 9.52
CA SER A 220 -0.79 10.95 10.94
C SER A 220 -2.11 11.12 11.68
N THR A 221 -3.07 11.86 11.12
CA THR A 221 -4.39 11.96 11.74
C THR A 221 -5.09 10.61 11.87
N LEU A 222 -4.70 9.60 11.09
CA LEU A 222 -5.28 8.26 11.21
C LEU A 222 -4.56 7.38 12.22
N ASN A 223 -3.46 7.82 12.82
CA ASN A 223 -2.73 6.95 13.73
C ASN A 223 -3.61 6.59 14.93
N THR A 224 -3.57 5.32 15.35
CA THR A 224 -4.50 4.83 16.36
C THR A 224 -3.98 4.89 17.79
N VAL A 225 -2.74 5.34 18.02
CA VAL A 225 -2.22 5.31 19.38
C VAL A 225 -3.03 6.22 20.28
N SER A 226 -3.35 5.72 21.47
CA SER A 226 -4.12 6.41 22.49
C SER A 226 -3.37 6.33 23.81
N PRO A 227 -3.38 7.38 24.63
CA PRO A 227 -4.15 8.62 24.48
C PRO A 227 -3.46 9.74 23.69
N THR A 228 -2.23 9.50 23.25
CA THR A 228 -1.42 10.50 22.55
C THR A 228 -1.11 9.95 21.16
N GLN A 229 -1.79 10.49 20.15
N GLN A 229 -1.77 10.51 20.16
CA GLN A 229 -1.59 10.04 18.78
CA GLN A 229 -1.56 10.08 18.78
C GLN A 229 -0.15 10.28 18.36
C GLN A 229 -0.09 10.26 18.40
N GLN A 230 0.41 9.35 17.59
CA GLN A 230 1.80 9.37 17.16
C GLN A 230 1.94 9.64 15.68
N LYS A 231 3.12 10.11 15.29
CA LYS A 231 3.42 10.46 13.91
C LYS A 231 3.98 9.28 13.12
N THR A 232 3.68 9.27 11.82
CA THR A 232 4.28 8.27 10.94
C THR A 232 5.77 8.50 10.77
N PHE A 233 6.44 7.46 10.27
CA PHE A 233 7.84 7.54 9.93
C PHE A 233 8.13 8.69 8.98
N PHE A 234 7.28 8.85 7.96
CA PHE A 234 7.47 9.94 7.00
C PHE A 234 7.29 11.30 7.65
N ASP A 235 6.27 11.43 8.49
N ASP A 235 6.25 11.48 8.46
CA ASP A 235 6.01 12.70 9.18
CA ASP A 235 6.09 12.77 9.13
C ASP A 235 7.18 13.08 10.08
C ASP A 235 7.29 13.08 10.00
N ASN A 236 7.79 12.08 10.74
CA ASN A 236 8.95 12.34 11.59
C ASN A 236 10.19 12.68 10.77
N ALA A 237 10.37 12.05 9.60
CA ALA A 237 11.56 12.27 8.79
C ALA A 237 11.49 13.54 7.96
N LYS A 238 10.28 14.08 7.75
N LYS A 238 10.28 14.07 7.71
CA LYS A 238 10.03 15.03 6.68
CA LYS A 238 10.05 15.03 6.64
C LYS A 238 10.98 16.22 6.71
C LYS A 238 10.98 16.22 6.70
N ALA A 239 11.12 16.83 7.88
CA ALA A 239 11.88 18.06 7.99
C ALA A 239 13.35 17.85 7.64
N SER A 240 13.85 16.63 7.84
N SER A 240 13.86 16.63 7.85
CA SER A 240 15.24 16.32 7.57
CA SER A 240 15.25 16.31 7.58
C SER A 240 15.49 15.96 6.12
C SER A 240 15.49 15.96 6.12
N LEU A 241 14.44 15.63 5.38
CA LEU A 241 14.61 15.16 4.02
C LEU A 241 15.03 16.30 3.09
N ASP A 242 15.77 15.94 2.03
CA ASP A 242 16.15 16.95 1.04
C ASP A 242 14.91 17.62 0.45
N SER A 243 13.86 16.84 0.22
CA SER A 243 12.58 17.32 -0.29
CA SER A 243 12.58 17.32 -0.28
C SER A 243 11.53 16.50 0.45
N PRO A 244 10.38 17.11 0.80
CA PRO A 244 9.39 16.42 1.66
C PRO A 244 8.49 15.47 0.89
N VAL A 245 9.09 14.42 0.32
CA VAL A 245 8.43 13.52 -0.59
C VAL A 245 8.90 12.10 -0.32
N PHE A 246 8.05 11.13 -0.71
CA PHE A 246 8.51 9.76 -0.90
C PHE A 246 7.90 9.26 -2.19
N THR A 247 8.53 8.23 -2.77
CA THR A 247 8.05 7.69 -4.04
C THR A 247 7.90 6.18 -3.92
N ALA A 248 6.88 5.66 -4.60
CA ALA A 248 6.62 4.24 -4.69
C ALA A 248 6.81 3.81 -6.13
N ASP A 249 7.66 2.81 -6.34
CA ASP A 249 7.94 2.24 -7.66
C ASP A 249 7.84 0.74 -7.51
N LEU A 250 6.61 0.24 -7.51
CA LEU A 250 6.38 -1.17 -7.27
C LEU A 250 6.57 -1.95 -8.57
N GLY A 251 7.18 -3.13 -8.46
CA GLY A 251 7.39 -3.98 -9.61
C GLY A 251 6.25 -4.93 -9.89
N TYR A 252 6.13 -5.33 -11.16
CA TYR A 252 5.23 -6.40 -11.56
C TYR A 252 6.04 -7.69 -11.52
N HIS A 253 5.67 -8.58 -10.61
CA HIS A 253 6.34 -9.86 -10.45
C HIS A 253 7.85 -9.66 -10.35
N ALA A 254 8.27 -8.61 -9.63
CA ALA A 254 9.67 -8.24 -9.54
C ALA A 254 9.82 -7.23 -8.40
N PRO A 255 11.02 -7.06 -7.88
CA PRO A 255 11.25 -6.02 -6.87
C PRO A 255 11.12 -4.62 -7.45
N GLY A 256 10.93 -3.68 -6.53
CA GLY A 256 10.83 -2.27 -6.84
C GLY A 256 11.48 -1.46 -5.73
N THR A 257 11.10 -0.19 -5.60
CA THR A 257 11.83 0.73 -4.74
C THR A 257 10.90 1.72 -4.06
N TYR A 258 11.14 1.95 -2.76
CA TYR A 258 10.63 3.12 -2.05
C TYR A 258 11.79 4.08 -1.80
N ASN A 259 11.66 5.32 -2.27
CA ASN A 259 12.64 6.37 -2.00
C ASN A 259 12.02 7.44 -1.12
N PHE A 260 12.84 7.99 -0.23
CA PHE A 260 12.45 9.08 0.65
C PHE A 260 13.37 10.27 0.41
N GLY A 261 12.78 11.43 0.14
CA GLY A 261 13.49 12.69 0.10
C GLY A 261 13.98 13.11 -1.25
N PHE A 262 13.77 12.32 -2.30
CA PHE A 262 14.23 12.68 -3.63
C PHE A 262 13.43 11.95 -4.68
N ILE A 263 13.44 12.48 -5.89
N ILE A 263 13.41 12.55 -5.86
CA ILE A 263 12.74 11.92 -7.03
CA ILE A 263 12.83 11.98 -7.07
C ILE A 263 13.80 11.45 -8.02
C ILE A 263 13.97 11.41 -7.90
N ASP A 264 13.89 10.12 -8.22
CA ASP A 264 14.87 9.50 -9.10
C ASP A 264 14.39 9.71 -10.53
N THR A 265 14.97 10.69 -11.22
CA THR A 265 14.52 11.04 -12.56
C THR A 265 14.86 9.99 -13.60
N THR A 266 15.63 8.96 -13.24
CA THR A 266 15.91 7.85 -14.15
C THR A 266 14.89 6.74 -14.04
N ALA A 267 13.95 6.82 -13.09
CA ALA A 267 13.06 5.72 -12.78
C ALA A 267 11.74 5.75 -13.53
N TYR A 268 11.52 6.75 -14.38
CA TYR A 268 10.25 6.87 -15.08
C TYR A 268 10.52 7.43 -16.47
N THR A 269 9.53 7.28 -17.33
CA THR A 269 9.56 7.85 -18.66
C THR A 269 8.66 9.08 -18.70
N GLY A 270 8.92 9.95 -19.68
CA GLY A 270 8.08 11.11 -19.83
C GLY A 270 8.17 12.02 -18.62
N SER A 271 7.05 12.67 -18.31
N SER A 271 7.05 12.67 -18.32
CA SER A 271 6.95 13.60 -17.20
CA SER A 271 6.94 13.60 -17.21
C SER A 271 6.01 13.05 -16.13
C SER A 271 6.03 13.03 -16.13
N ILE A 272 6.15 13.62 -14.94
CA ILE A 272 5.28 13.31 -13.82
C ILE A 272 4.12 14.30 -13.87
N THR A 273 2.89 13.79 -13.87
CA THR A 273 1.71 14.63 -13.78
C THR A 273 1.23 14.65 -12.34
N TYR A 274 1.16 15.85 -11.77
CA TYR A 274 0.72 16.03 -10.40
C TYR A 274 -0.77 16.37 -10.36
N THR A 275 -1.41 15.93 -9.29
CA THR A 275 -2.85 16.06 -9.14
C THR A 275 -3.18 16.32 -7.68
N ALA A 276 -4.29 17.03 -7.45
CA ALA A 276 -4.63 17.49 -6.12
C ALA A 276 -5.00 16.34 -5.19
N VAL A 277 -4.73 16.55 -3.91
CA VAL A 277 -5.02 15.59 -2.85
C VAL A 277 -5.92 16.25 -1.82
N SER A 278 -6.91 15.49 -1.36
CA SER A 278 -7.66 15.82 -0.16
C SER A 278 -7.16 14.97 1.00
N THR A 279 -6.81 15.62 2.10
CA THR A 279 -6.39 14.90 3.30
C THR A 279 -7.52 14.78 4.32
N LYS A 280 -8.76 15.12 3.93
CA LYS A 280 -9.84 15.23 4.89
C LYS A 280 -10.20 13.89 5.52
N GLN A 281 -9.97 12.77 4.83
CA GLN A 281 -10.19 11.45 5.39
C GLN A 281 -8.90 10.78 5.85
N GLY A 282 -7.79 11.50 5.85
CA GLY A 282 -6.50 10.97 6.27
C GLY A 282 -5.75 10.19 5.22
N PHE A 283 -6.27 10.11 4.00
CA PHE A 283 -5.69 9.31 2.93
C PHE A 283 -5.07 10.22 1.88
N TRP A 284 -4.28 9.59 0.99
CA TRP A 284 -3.81 10.23 -0.24
C TRP A 284 -4.94 10.10 -1.26
N GLU A 285 -5.94 10.96 -1.10
CA GLU A 285 -7.18 10.88 -1.84
C GLU A 285 -7.15 11.87 -2.99
N TRP A 286 -7.50 11.41 -4.18
CA TRP A 286 -7.36 12.18 -5.41
C TRP A 286 -8.51 11.80 -6.34
N THR A 287 -8.57 12.48 -7.48
CA THR A 287 -9.66 12.25 -8.45
C THR A 287 -9.05 11.93 -9.81
N SER A 288 -9.23 10.69 -10.24
CA SER A 288 -8.85 10.30 -11.58
C SER A 288 -9.83 10.92 -12.58
N THR A 289 -9.33 11.21 -13.77
CA THR A 289 -10.11 11.86 -14.82
C THR A 289 -10.82 10.89 -15.75
N GLY A 290 -10.65 9.57 -15.60
CA GLY A 290 -11.46 8.63 -16.37
C GLY A 290 -10.70 7.34 -16.63
N TYR A 291 -11.21 6.58 -17.61
CA TYR A 291 -10.64 5.27 -17.84
C TYR A 291 -10.89 4.82 -19.28
N ALA A 292 -10.13 3.82 -19.68
CA ALA A 292 -10.38 3.09 -20.92
C ALA A 292 -10.13 1.61 -20.67
N VAL A 293 -10.82 0.76 -21.43
CA VAL A 293 -10.64 -0.68 -21.38
C VAL A 293 -9.99 -1.11 -22.68
N GLY A 294 -8.83 -1.75 -22.58
CA GLY A 294 -8.12 -2.19 -23.76
C GLY A 294 -7.87 -1.02 -24.69
N SER A 295 -8.12 -1.26 -25.98
CA SER A 295 -7.95 -0.25 -27.00
CA SER A 295 -7.95 -0.25 -27.01
C SER A 295 -9.17 0.63 -27.18
N GLY A 296 -10.14 0.55 -26.25
CA GLY A 296 -11.36 1.31 -26.36
C GLY A 296 -11.16 2.79 -26.11
N THR A 297 -12.21 3.54 -26.40
CA THR A 297 -12.13 4.99 -26.23
C THR A 297 -12.13 5.35 -24.76
N PHE A 298 -11.43 6.44 -24.45
CA PHE A 298 -11.33 6.92 -23.08
C PHE A 298 -12.65 7.58 -22.66
N LYS A 299 -13.15 7.18 -21.51
CA LYS A 299 -14.34 7.74 -20.89
C LYS A 299 -13.90 8.79 -19.87
N SER A 300 -14.24 10.05 -20.12
CA SER A 300 -13.93 11.11 -19.18
C SER A 300 -14.98 11.12 -18.08
N THR A 301 -14.54 10.86 -16.86
CA THR A 301 -15.44 10.79 -15.71
C THR A 301 -14.58 10.87 -14.46
N SER A 302 -15.06 11.61 -13.46
CA SER A 302 -14.29 11.80 -12.24
C SER A 302 -14.45 10.60 -11.33
N ILE A 303 -13.33 10.02 -10.90
CA ILE A 303 -13.34 8.87 -10.00
C ILE A 303 -12.48 9.23 -8.79
N ASP A 304 -13.11 9.54 -7.68
CA ASP A 304 -12.42 9.84 -6.43
CA ASP A 304 -12.39 9.84 -6.45
C ASP A 304 -11.92 8.54 -5.82
N GLY A 305 -10.68 8.50 -5.38
CA GLY A 305 -10.19 7.30 -4.73
C GLY A 305 -8.89 7.57 -4.02
N ILE A 306 -8.32 6.54 -3.42
CA ILE A 306 -7.10 6.69 -2.62
C ILE A 306 -5.96 5.92 -3.25
N ALA A 307 -4.75 6.47 -3.18
CA ALA A 307 -3.53 5.78 -3.59
C ALA A 307 -3.06 4.96 -2.39
N ASP A 308 -3.20 3.63 -2.48
CA ASP A 308 -3.07 2.75 -1.32
C ASP A 308 -2.15 1.58 -1.63
N THR A 309 -0.88 1.70 -1.25
CA THR A 309 0.08 0.63 -1.49
C THR A 309 -0.20 -0.60 -0.65
N GLY A 310 -0.99 -0.49 0.41
CA GLY A 310 -1.30 -1.63 1.25
C GLY A 310 -2.50 -2.45 0.81
N THR A 311 -3.18 -2.04 -0.26
CA THR A 311 -4.27 -2.81 -0.85
C THR A 311 -3.74 -3.44 -2.14
N THR A 312 -4.00 -4.73 -2.31
CA THR A 312 -3.42 -5.45 -3.43
C THR A 312 -4.06 -5.06 -4.76
N LEU A 313 -5.40 -4.98 -4.80
CA LEU A 313 -6.16 -4.88 -6.03
C LEU A 313 -6.61 -3.44 -6.30
N LEU A 314 -7.25 -3.27 -7.46
CA LEU A 314 -7.84 -2.02 -7.91
C LEU A 314 -9.35 -2.12 -7.72
N TYR A 315 -9.91 -1.27 -6.85
CA TYR A 315 -11.33 -1.29 -6.52
C TYR A 315 -11.98 -0.02 -7.07
N LEU A 316 -12.92 -0.18 -7.99
CA LEU A 316 -13.52 0.93 -8.72
C LEU A 316 -15.02 0.77 -8.76
N PRO A 317 -15.75 1.80 -9.20
CA PRO A 317 -17.22 1.69 -9.20
C PRO A 317 -17.69 0.53 -10.06
N ALA A 318 -18.84 -0.01 -9.67
CA ALA A 318 -19.37 -1.20 -10.32
C ALA A 318 -19.56 -1.01 -11.82
N THR A 319 -19.94 0.19 -12.26
CA THR A 319 -20.12 0.44 -13.69
C THR A 319 -18.81 0.26 -14.45
N VAL A 320 -17.72 0.80 -13.90
CA VAL A 320 -16.42 0.71 -14.53
C VAL A 320 -15.95 -0.74 -14.57
N VAL A 321 -16.11 -1.44 -13.46
CA VAL A 321 -15.63 -2.82 -13.35
C VAL A 321 -16.42 -3.73 -14.29
N SER A 322 -17.73 -3.52 -14.41
CA SER A 322 -18.53 -4.29 -15.35
C SER A 322 -18.08 -4.06 -16.79
N ALA A 323 -17.79 -2.79 -17.13
CA ALA A 323 -17.30 -2.49 -18.46
C ALA A 323 -15.99 -3.20 -18.76
N TYR A 324 -15.11 -3.32 -17.78
CA TYR A 324 -13.85 -4.03 -17.97
C TYR A 324 -14.11 -5.53 -18.23
N TRP A 325 -14.79 -6.19 -17.29
CA TRP A 325 -14.93 -7.65 -17.38
C TRP A 325 -15.84 -8.10 -18.52
N ALA A 326 -16.70 -7.21 -19.01
CA ALA A 326 -17.49 -7.52 -20.21
C ALA A 326 -16.62 -7.81 -21.42
N GLN A 327 -15.36 -7.36 -21.42
CA GLN A 327 -14.45 -7.61 -22.52
C GLN A 327 -13.70 -8.93 -22.39
N VAL A 328 -13.98 -9.72 -21.38
CA VAL A 328 -13.31 -10.98 -21.13
C VAL A 328 -14.33 -12.12 -21.21
N SER A 329 -14.23 -12.95 -22.25
CA SER A 329 -15.20 -14.02 -22.44
CA SER A 329 -15.22 -14.01 -22.43
C SER A 329 -15.23 -14.94 -21.23
N GLY A 330 -16.42 -15.15 -20.67
CA GLY A 330 -16.59 -16.05 -19.57
C GLY A 330 -16.37 -15.44 -18.21
N ALA A 331 -15.97 -14.17 -18.12
CA ALA A 331 -15.81 -13.54 -16.83
C ALA A 331 -17.16 -13.25 -16.20
N LYS A 332 -17.23 -13.38 -14.88
CA LYS A 332 -18.48 -13.19 -14.16
C LYS A 332 -18.16 -12.82 -12.73
N SER A 333 -19.11 -12.12 -12.10
CA SER A 333 -19.02 -11.90 -10.68
C SER A 333 -19.59 -13.08 -9.92
N SER A 334 -18.80 -13.63 -9.03
CA SER A 334 -19.13 -14.81 -8.26
C SER A 334 -19.38 -14.40 -6.81
N SER A 335 -20.61 -14.57 -6.35
CA SER A 335 -20.90 -14.27 -4.95
CA SER A 335 -20.91 -14.28 -4.95
C SER A 335 -20.16 -15.22 -4.03
N SER A 336 -20.04 -16.49 -4.42
CA SER A 336 -19.37 -17.47 -3.55
C SER A 336 -17.88 -17.19 -3.43
N VAL A 337 -17.25 -16.71 -4.52
CA VAL A 337 -15.82 -16.45 -4.46
C VAL A 337 -15.55 -15.07 -3.87
N GLY A 338 -16.45 -14.12 -4.07
CA GLY A 338 -16.27 -12.78 -3.56
C GLY A 338 -15.81 -11.74 -4.56
N GLY A 339 -16.06 -11.94 -5.84
CA GLY A 339 -15.75 -10.94 -6.83
C GLY A 339 -15.73 -11.55 -8.21
N TYR A 340 -15.20 -10.76 -9.13
CA TYR A 340 -15.07 -11.19 -10.51
C TYR A 340 -13.98 -12.24 -10.64
N VAL A 341 -14.32 -13.31 -11.35
CA VAL A 341 -13.43 -14.37 -11.75
C VAL A 341 -13.51 -14.50 -13.27
N PHE A 342 -12.50 -15.14 -13.83
CA PHE A 342 -12.42 -15.25 -15.28
C PHE A 342 -11.68 -16.53 -15.63
N PRO A 343 -11.86 -17.03 -16.84
CA PRO A 343 -11.15 -18.26 -17.23
C PRO A 343 -9.66 -18.05 -17.23
N CYS A 344 -8.92 -18.95 -16.59
CA CYS A 344 -7.47 -18.78 -16.55
C CYS A 344 -6.84 -18.81 -17.93
N SER A 345 -7.54 -19.37 -18.93
CA SER A 345 -7.08 -19.39 -20.31
C SER A 345 -7.18 -18.04 -21.02
N ALA A 346 -7.81 -17.04 -20.42
CA ALA A 346 -7.97 -15.75 -21.07
C ALA A 346 -6.67 -14.96 -21.10
N THR A 347 -6.53 -14.17 -22.15
CA THR A 347 -5.57 -13.06 -22.20
C THR A 347 -6.34 -11.79 -21.90
N LEU A 348 -5.97 -11.09 -20.83
CA LEU A 348 -6.78 -9.97 -20.36
C LEU A 348 -6.44 -8.68 -21.11
N PRO A 349 -7.43 -7.81 -21.30
CA PRO A 349 -7.15 -6.49 -21.87
C PRO A 349 -6.52 -5.57 -20.81
N SER A 350 -5.82 -4.55 -21.31
CA SER A 350 -5.27 -3.54 -20.42
C SER A 350 -6.41 -2.68 -19.83
N PHE A 351 -6.05 -1.89 -18.84
CA PHE A 351 -6.95 -0.91 -18.24
C PHE A 351 -6.17 0.39 -18.09
N THR A 352 -6.72 1.48 -18.61
CA THR A 352 -6.08 2.80 -18.53
C THR A 352 -6.84 3.67 -17.54
N PHE A 353 -6.11 4.39 -16.68
CA PHE A 353 -6.74 5.41 -15.84
C PHE A 353 -6.12 6.77 -16.10
N GLY A 354 -6.93 7.81 -15.95
CA GLY A 354 -6.48 9.17 -16.20
C GLY A 354 -5.93 9.85 -14.95
N VAL A 355 -4.86 10.61 -15.16
CA VAL A 355 -4.29 11.50 -14.15
C VAL A 355 -4.19 12.84 -14.86
N GLY A 356 -5.12 13.76 -14.56
CA GLY A 356 -5.22 14.95 -15.37
C GLY A 356 -5.37 14.55 -16.83
N SER A 357 -4.59 15.19 -17.70
CA SER A 357 -4.60 14.86 -19.11
CA SER A 357 -4.60 14.87 -19.11
C SER A 357 -3.73 13.66 -19.45
N ALA A 358 -2.99 13.13 -18.49
CA ALA A 358 -2.10 12.00 -18.71
C ALA A 358 -2.84 10.69 -18.50
N ARG A 359 -2.21 9.60 -18.93
CA ARG A 359 -2.83 8.29 -18.94
C ARG A 359 -1.83 7.27 -18.44
N ILE A 360 -2.24 6.43 -17.49
CA ILE A 360 -1.45 5.31 -17.00
C ILE A 360 -2.11 4.03 -17.48
N VAL A 361 -1.33 3.20 -18.16
CA VAL A 361 -1.82 1.94 -18.73
C VAL A 361 -1.39 0.77 -17.86
N ILE A 362 -2.37 0.04 -17.33
CA ILE A 362 -2.14 -1.20 -16.61
C ILE A 362 -2.21 -2.34 -17.62
N PRO A 363 -1.10 -3.03 -17.90
CA PRO A 363 -1.19 -4.17 -18.83
C PRO A 363 -2.12 -5.26 -18.30
N GLY A 364 -2.77 -5.96 -19.23
CA GLY A 364 -3.70 -7.01 -18.85
C GLY A 364 -3.11 -8.03 -17.89
N ASP A 365 -1.85 -8.41 -18.08
CA ASP A 365 -1.30 -9.45 -17.23
C ASP A 365 -1.25 -9.03 -15.76
N TYR A 366 -1.21 -7.71 -15.49
CA TYR A 366 -1.19 -7.24 -14.11
C TYR A 366 -2.49 -7.51 -13.39
N ILE A 367 -3.55 -7.84 -14.14
CA ILE A 367 -4.90 -7.99 -13.60
C ILE A 367 -5.21 -9.46 -13.31
N ASP A 368 -4.26 -10.36 -13.54
CA ASP A 368 -4.46 -11.79 -13.31
C ASP A 368 -3.88 -12.15 -11.95
N PHE A 369 -4.75 -12.59 -11.02
CA PHE A 369 -4.33 -13.03 -9.70
C PHE A 369 -4.43 -14.54 -9.50
N GLY A 370 -4.51 -15.27 -10.60
CA GLY A 370 -4.29 -16.69 -10.56
C GLY A 370 -5.48 -17.49 -10.08
N PRO A 371 -5.31 -18.80 -10.06
CA PRO A 371 -6.43 -19.68 -9.71
C PRO A 371 -7.04 -19.37 -8.35
N ILE A 372 -8.38 -19.47 -8.28
CA ILE A 372 -9.07 -19.16 -7.04
C ILE A 372 -8.70 -20.14 -5.94
N SER A 373 -8.39 -21.38 -6.32
CA SER A 373 -7.88 -22.41 -5.44
C SER A 373 -6.93 -23.24 -6.28
N THR A 374 -6.03 -23.96 -5.63
CA THR A 374 -4.99 -24.66 -6.36
C THR A 374 -5.62 -25.63 -7.35
N GLY A 375 -5.16 -25.56 -8.60
CA GLY A 375 -5.64 -26.43 -9.64
C GLY A 375 -6.89 -25.97 -10.36
N SER A 376 -7.53 -24.91 -9.89
CA SER A 376 -8.74 -24.43 -10.54
C SER A 376 -8.39 -23.74 -11.85
N SER A 377 -9.30 -23.82 -12.82
CA SER A 377 -9.19 -23.04 -14.04
C SER A 377 -9.94 -21.73 -13.99
N SER A 378 -10.50 -21.38 -12.84
CA SER A 378 -11.10 -20.08 -12.62
CA SER A 378 -11.11 -20.07 -12.62
C SER A 378 -10.10 -19.21 -11.88
N CYS A 379 -9.84 -18.03 -12.43
CA CYS A 379 -8.81 -17.13 -11.92
C CYS A 379 -9.45 -15.88 -11.33
N PHE A 380 -8.79 -15.32 -10.31
CA PHE A 380 -9.34 -14.16 -9.62
C PHE A 380 -8.89 -12.87 -10.29
N GLY A 381 -9.85 -11.96 -10.50
CA GLY A 381 -9.54 -10.71 -11.16
C GLY A 381 -8.88 -9.67 -10.27
N GLY A 382 -8.03 -8.85 -10.88
CA GLY A 382 -7.35 -7.79 -10.16
C GLY A 382 -8.05 -6.45 -10.13
N ILE A 383 -9.16 -6.33 -10.85
CA ILE A 383 -10.05 -5.17 -10.82
C ILE A 383 -11.37 -5.67 -10.24
N GLN A 384 -11.81 -5.04 -9.15
CA GLN A 384 -12.99 -5.48 -8.42
C GLN A 384 -13.83 -4.26 -8.07
N SER A 385 -15.11 -4.52 -7.77
CA SER A 385 -16.01 -3.44 -7.42
C SER A 385 -15.72 -2.89 -6.03
N SER A 386 -15.78 -1.56 -5.90
CA SER A 386 -15.69 -0.90 -4.60
C SER A 386 -17.05 -0.75 -3.94
N ALA A 387 -18.12 -1.23 -4.56
N ALA A 387 -18.13 -1.27 -4.55
CA ALA A 387 -19.45 -1.10 -3.96
CA ALA A 387 -19.47 -0.92 -4.11
C ALA A 387 -19.47 -1.84 -2.64
C ALA A 387 -19.67 -1.18 -2.62
N GLY A 388 -19.89 -1.14 -1.59
N GLY A 388 -19.08 -2.26 -2.09
CA GLY A 388 -19.88 -1.68 -0.25
CA GLY A 388 -19.22 -2.62 -0.70
C GLY A 388 -18.65 -1.32 0.55
C GLY A 388 -18.19 -2.01 0.24
N ILE A 389 -17.57 -0.93 -0.13
N ILE A 389 -17.39 -1.06 -0.24
CA ILE A 389 -16.35 -0.50 0.58
CA ILE A 389 -16.30 -0.47 0.53
C ILE A 389 -16.45 0.98 0.93
C ILE A 389 -16.65 0.92 1.03
N GLY A 390 -17.19 1.77 0.16
CA GLY A 390 -17.41 3.17 0.46
C GLY A 390 -16.37 4.11 -0.08
N ILE A 391 -15.31 3.58 -0.71
CA ILE A 391 -14.26 4.40 -1.31
C ILE A 391 -13.65 3.58 -2.44
N ASN A 392 -13.22 4.26 -3.49
CA ASN A 392 -12.46 3.60 -4.53
C ASN A 392 -10.99 3.55 -4.11
N ILE A 393 -10.31 2.47 -4.49
CA ILE A 393 -8.95 2.21 -4.01
C ILE A 393 -8.06 1.91 -5.19
N PHE A 394 -7.11 2.79 -5.46
CA PHE A 394 -6.03 2.56 -6.41
C PHE A 394 -4.93 1.84 -5.66
N GLY A 395 -5.10 0.51 -5.56
CA GLY A 395 -4.14 -0.36 -4.93
C GLY A 395 -2.99 -0.75 -5.84
N ASP A 396 -2.28 -1.81 -5.44
CA ASP A 396 -1.03 -2.16 -6.09
C ASP A 396 -1.20 -2.41 -7.58
N VAL A 397 -2.31 -3.03 -8.01
CA VAL A 397 -2.56 -3.28 -9.43
C VAL A 397 -2.40 -2.01 -10.24
N ALA A 398 -2.96 -0.91 -9.75
CA ALA A 398 -2.81 0.37 -10.43
C ALA A 398 -1.44 0.99 -10.19
N LEU A 399 -1.00 1.04 -8.93
CA LEU A 399 0.21 1.80 -8.62
C LEU A 399 1.45 1.18 -9.25
N LYS A 400 1.49 -0.14 -9.39
CA LYS A 400 2.67 -0.79 -9.96
CA LYS A 400 2.69 -0.76 -9.95
C LYS A 400 2.87 -0.48 -11.44
N ALA A 401 1.85 0.05 -12.11
CA ALA A 401 1.99 0.50 -13.48
C ALA A 401 2.59 1.89 -13.59
N ALA A 402 2.90 2.53 -12.46
CA ALA A 402 3.36 3.91 -12.47
C ALA A 402 4.53 4.10 -11.51
N PHE A 403 5.22 5.21 -11.70
CA PHE A 403 6.11 5.79 -10.70
C PHE A 403 5.27 6.84 -9.98
N VAL A 404 5.12 6.70 -8.66
CA VAL A 404 4.15 7.48 -7.91
C VAL A 404 4.87 8.33 -6.87
N VAL A 405 4.63 9.64 -6.92
CA VAL A 405 5.19 10.60 -5.98
C VAL A 405 4.14 10.98 -4.95
N PHE A 406 4.46 10.76 -3.68
CA PHE A 406 3.66 11.19 -2.54
C PHE A 406 4.33 12.46 -2.02
N ASN A 407 3.81 13.60 -2.45
CA ASN A 407 4.40 14.89 -2.15
C ASN A 407 3.79 15.45 -0.87
N GLY A 408 4.58 15.46 0.20
CA GLY A 408 4.15 15.90 1.51
C GLY A 408 4.49 17.34 1.84
N ALA A 409 4.54 18.20 0.82
CA ALA A 409 4.62 19.63 1.00
C ALA A 409 3.41 20.14 1.80
N THR A 410 3.46 21.43 2.15
CA THR A 410 2.42 22.00 3.00
C THR A 410 1.03 21.72 2.45
N THR A 411 0.87 21.82 1.13
CA THR A 411 -0.32 21.33 0.46
C THR A 411 0.07 20.05 -0.27
N PRO A 412 -0.26 18.87 0.26
CA PRO A 412 0.19 17.63 -0.40
C PRO A 412 -0.42 17.48 -1.78
N THR A 413 0.32 16.80 -2.66
CA THR A 413 -0.16 16.39 -3.99
C THR A 413 0.36 14.99 -4.29
N LEU A 414 -0.21 14.36 -5.31
N LEU A 414 -0.08 14.46 -5.42
CA LEU A 414 0.29 13.10 -5.85
CA LEU A 414 0.25 13.11 -5.84
C LEU A 414 0.79 13.33 -7.26
C LEU A 414 0.66 13.16 -7.30
N GLY A 415 1.84 12.62 -7.62
CA GLY A 415 2.35 12.61 -8.98
C GLY A 415 2.38 11.20 -9.54
N PHE A 416 2.04 11.08 -10.83
CA PHE A 416 2.12 9.81 -11.53
C PHE A 416 2.89 9.96 -12.83
N ALA A 417 3.81 9.03 -13.10
CA ALA A 417 4.48 8.93 -14.37
C ALA A 417 4.41 7.49 -14.85
N SER A 418 4.41 7.32 -16.16
CA SER A 418 4.65 6.00 -16.75
C SER A 418 6.10 5.60 -16.54
N LYS A 419 6.38 4.32 -16.72
CA LYS A 419 7.74 3.83 -16.48
C LYS A 419 8.06 2.62 -17.34
C1 GOL B . 4.39 1.44 -17.51
O1 GOL B . 3.84 2.70 -17.15
C2 GOL B . 3.24 0.40 -17.59
O2 GOL B . 3.69 -0.89 -17.93
C3 GOL B . 2.28 1.02 -18.61
O3 GOL B . 1.85 0.01 -19.44
C1 EDO C . 2.50 10.84 -16.53
O1 EDO C . 2.37 12.19 -17.01
C2 EDO C . 1.40 9.86 -16.96
O2 EDO C . 1.78 8.97 -18.04
C1 EDO D . -17.52 8.26 -11.68
O1 EDO D . -17.43 9.60 -12.15
C2 EDO D . -17.64 7.33 -12.87
O2 EDO D . -17.88 5.99 -12.43
N1 ZSD E . -4.02 -4.65 5.62
C7 ZSD E . -1.66 -5.24 5.39
C8 ZSD E . -4.58 -3.80 4.70
N2 ZSD E . -2.07 -6.64 5.45
C9 ZSD E . -4.09 -2.51 4.47
C1 ZSD E . -1.38 -10.13 5.33
C5 ZSD E . -4.48 -6.03 5.80
C6 ZSD E . -2.67 -4.37 6.11
N3 ZSD E . -1.21 -7.68 5.33
C4 ZSD E . -3.35 -7.03 5.65
C3 ZSD E . -3.32 -8.40 5.65
C2 ZSD E . -1.98 -8.76 5.44
N4 ZSD E . -4.27 -0.48 3.21
N ZSD E . -1.24 -10.66 3.97
C ZSD E . -1.15 -9.58 2.99
O ZSD E . -2.56 -12.32 0.03
C10 ZSD E . -4.69 -1.74 3.49
C11 ZSD E . -6.13 -3.46 3.07
C12 ZSD E . -2.30 -11.61 3.62
C13 ZSD E . -2.24 -12.09 2.19
C14 ZSD E . -1.66 -13.30 1.75
C15 ZSD E . -0.92 -14.32 2.55
C16 ZSD E . -2.78 -11.52 1.09
C17 ZSD E . -3.49 -10.26 0.82
N5 ZSD E . -5.72 -2.22 2.78
N6 ZSD E . -5.63 -4.28 3.99
N7 ZSD E . -1.84 -13.46 0.47
#